data_5POC
#
_entry.id   5POC
#
_cell.length_a   55.793
_cell.length_b   56.083
_cell.length_c   101.838
_cell.angle_alpha   90.000
_cell.angle_beta   90.000
_cell.angle_gamma   90.000
#
_symmetry.space_group_name_H-M   'P 21 21 21'
#
loop_
_entity.id
_entity.type
_entity.pdbx_description
1 polymer 'Bromodomain-containing protein 1'
2 non-polymer 1,2-ETHANEDIOL
3 non-polymer 7-bromo-1-methyl-6-nitroquinolin-2(1H)-one
4 non-polymer 'SODIUM ION'
5 water water
#
_entity_poly.entity_id   1
_entity_poly.type   'polypeptide(L)'
_entity_poly.pdbx_seq_one_letter_code
;MHHHHHHSSGVDLGTENLYFQSMEQVAMELRLTELTRLLRSVLDQLQDKDPARIFAQPVSLKEVPDYLDHIKHPMDFATM
RKRLEAQGYKNLHEFEEDFDLIIDNCMKYNARDTVFYRAAVRLRDQGGVVLRQARREVDSIGLEEASGMHLPERPA
;
_entity_poly.pdbx_strand_id   A,B
#
# COMPACT_ATOMS: atom_id res chain seq x y z
N SER A 22 -24.93 15.75 -22.78
CA SER A 22 -24.15 16.88 -23.28
C SER A 22 -22.97 16.39 -24.12
N MET A 23 -22.41 17.28 -24.92
CA MET A 23 -21.26 16.96 -25.72
CA MET A 23 -21.24 16.94 -25.73
C MET A 23 -20.02 16.72 -24.85
N GLU A 24 -19.90 17.49 -23.77
CA GLU A 24 -18.77 17.35 -22.85
C GLU A 24 -18.75 15.95 -22.24
N GLN A 25 -19.91 15.44 -21.85
CA GLN A 25 -20.00 14.11 -21.27
C GLN A 25 -19.58 13.05 -22.28
N VAL A 26 -20.02 13.20 -23.52
CA VAL A 26 -19.58 12.29 -24.59
C VAL A 26 -18.07 12.33 -24.80
N ALA A 27 -17.48 13.53 -24.72
CA ALA A 27 -16.04 13.66 -24.88
C ALA A 27 -15.30 12.95 -23.76
N MET A 28 -15.81 13.09 -22.54
CA MET A 28 -15.25 12.40 -21.37
C MET A 28 -15.35 10.89 -21.53
N GLU A 29 -16.48 10.43 -22.04
CA GLU A 29 -16.70 9.01 -22.23
C GLU A 29 -15.79 8.45 -23.33
N LEU A 30 -15.50 9.26 -24.35
CA LEU A 30 -14.58 8.85 -25.40
C LEU A 30 -13.15 8.71 -24.85
N ARG A 31 -12.77 9.62 -23.95
CA ARG A 31 -11.46 9.56 -23.32
C ARG A 31 -11.33 8.29 -22.48
N LEU A 32 -12.38 7.97 -21.74
CA LEU A 32 -12.39 6.76 -20.90
C LEU A 32 -12.29 5.50 -21.75
N THR A 33 -12.99 5.49 -22.88
CA THR A 33 -12.97 4.37 -23.79
C THR A 33 -11.56 4.17 -24.36
N GLU A 34 -10.90 5.27 -24.70
CA GLU A 34 -9.54 5.21 -25.21
C GLU A 34 -8.54 4.80 -24.13
N LEU A 35 -8.77 5.25 -22.89
CA LEU A 35 -7.90 4.80 -21.80
C LEU A 35 -8.06 3.30 -21.61
N THR A 36 -9.30 2.83 -21.67
CA THR A 36 -9.59 1.41 -21.51
C THR A 36 -8.89 0.59 -22.59
N ARG A 37 -8.87 1.09 -23.82
CA ARG A 37 -8.18 0.42 -24.91
C ARG A 37 -6.68 0.30 -24.65
N LEU A 38 -6.07 1.38 -24.18
CA LEU A 38 -4.66 1.38 -23.85
C LEU A 38 -4.37 0.42 -22.70
N LEU A 39 -5.21 0.46 -21.66
CA LEU A 39 -5.01 -0.39 -20.49
C LEU A 39 -5.20 -1.86 -20.83
N ARG A 40 -6.06 -2.16 -21.81
CA ARG A 40 -6.23 -3.54 -22.25
C ARG A 40 -4.94 -4.05 -22.88
N SER A 41 -4.28 -3.22 -23.67
CA SER A 41 -3.01 -3.60 -24.27
C SER A 41 -1.95 -3.79 -23.20
N VAL A 42 -1.92 -2.90 -22.22
CA VAL A 42 -1.00 -3.02 -21.09
C VAL A 42 -1.24 -4.32 -20.31
N LEU A 43 -2.50 -4.59 -20.00
CA LEU A 43 -2.84 -5.79 -19.24
C LEU A 43 -2.39 -7.05 -19.97
N ASP A 44 -2.61 -7.10 -21.28
CA ASP A 44 -2.17 -8.24 -22.08
C ASP A 44 -0.66 -8.43 -22.04
N GLN A 45 0.07 -7.32 -22.12
CA GLN A 45 1.53 -7.36 -22.07
C GLN A 45 2.02 -7.81 -20.69
N LEU A 46 1.37 -7.33 -19.64
CA LEU A 46 1.77 -7.70 -18.29
C LEU A 46 1.53 -9.18 -18.05
N GLN A 47 0.39 -9.66 -18.52
CA GLN A 47 0.05 -11.06 -18.29
C GLN A 47 0.98 -12.00 -19.07
N ASP A 48 1.52 -11.51 -20.19
CA ASP A 48 2.52 -12.27 -20.94
C ASP A 48 3.78 -12.52 -20.12
N LYS A 49 4.04 -11.67 -19.13
CA LYS A 49 5.21 -11.82 -18.28
C LYS A 49 4.92 -12.81 -17.13
N ASP A 50 3.74 -13.43 -17.17
CA ASP A 50 3.35 -14.49 -16.23
C ASP A 50 3.01 -15.77 -17.01
N PRO A 51 4.02 -16.38 -17.64
CA PRO A 51 3.73 -17.50 -18.53
C PRO A 51 3.19 -18.73 -17.78
N ALA A 52 3.49 -18.81 -16.49
CA ALA A 52 3.03 -19.93 -15.66
C ALA A 52 1.57 -19.77 -15.22
N ARG A 53 1.01 -18.58 -15.47
CA ARG A 53 -0.37 -18.22 -15.11
C ARG A 53 -0.64 -18.33 -13.60
N ILE A 54 0.41 -18.03 -12.83
CA ILE A 54 0.32 -18.04 -11.38
C ILE A 54 -0.63 -16.96 -10.89
N PHE A 55 -0.72 -15.85 -11.63
CA PHE A 55 -1.53 -14.71 -11.19
C PHE A 55 -2.80 -14.52 -12.04
N ALA A 56 -3.14 -15.54 -12.81
CA ALA A 56 -4.26 -15.42 -13.75
C ALA A 56 -5.61 -15.38 -13.09
N GLN A 57 -5.74 -16.02 -11.93
CA GLN A 57 -7.03 -16.20 -11.29
C GLN A 57 -6.93 -15.92 -9.78
N PRO A 58 -8.06 -15.63 -9.12
CA PRO A 58 -8.00 -15.44 -7.67
C PRO A 58 -7.37 -16.64 -6.97
N VAL A 59 -6.59 -16.38 -5.92
CA VAL A 59 -6.07 -17.46 -5.11
C VAL A 59 -7.24 -18.28 -4.55
N SER A 60 -7.20 -19.60 -4.78
CA SER A 60 -8.28 -20.48 -4.36
C SER A 60 -8.32 -20.67 -2.86
N LEU A 61 -9.47 -20.40 -2.27
CA LEU A 61 -9.65 -20.57 -0.85
C LEU A 61 -9.77 -22.05 -0.49
N LYS A 62 -9.80 -22.90 -1.52
CA LYS A 62 -9.85 -24.35 -1.33
C LYS A 62 -8.44 -24.92 -1.19
N GLU A 63 -7.50 -24.39 -1.95
CA GLU A 63 -6.10 -24.82 -1.86
C GLU A 63 -5.37 -24.06 -0.75
N VAL A 64 -5.87 -22.87 -0.44
CA VAL A 64 -5.28 -21.99 0.57
C VAL A 64 -6.37 -21.43 1.50
N PRO A 65 -6.87 -22.27 2.42
CA PRO A 65 -8.06 -21.84 3.17
C PRO A 65 -7.86 -20.65 4.12
N ASP A 66 -6.63 -20.38 4.56
CA ASP A 66 -6.41 -19.26 5.47
C ASP A 66 -6.07 -17.95 4.75
N TYR A 67 -6.15 -17.94 3.43
CA TYR A 67 -5.62 -16.82 2.65
C TYR A 67 -6.15 -15.44 3.09
N LEU A 68 -7.43 -15.34 3.39
CA LEU A 68 -8.04 -14.06 3.72
C LEU A 68 -7.69 -13.58 5.12
N ASP A 69 -7.18 -14.48 5.96
CA ASP A 69 -6.63 -14.06 7.25
C ASP A 69 -5.35 -13.29 7.06
N HIS A 70 -4.66 -13.54 5.94
CA HIS A 70 -3.37 -12.93 5.68
C HIS A 70 -3.49 -11.70 4.78
N ILE A 71 -4.26 -11.84 3.71
CA ILE A 71 -4.34 -10.85 2.65
C ILE A 71 -5.70 -10.16 2.65
N LYS A 72 -5.70 -8.85 2.86
CA LYS A 72 -6.96 -8.13 3.03
C LYS A 72 -7.55 -7.66 1.72
N HIS A 73 -6.73 -7.52 0.69
CA HIS A 73 -7.23 -7.09 -0.60
C HIS A 73 -6.66 -7.97 -1.72
N PRO A 74 -7.24 -9.16 -1.91
CA PRO A 74 -6.81 -10.06 -2.98
C PRO A 74 -6.93 -9.43 -4.36
N MET A 75 -6.03 -9.80 -5.27
CA MET A 75 -6.14 -9.32 -6.65
C MET A 75 -5.49 -10.34 -7.59
N ASP A 76 -5.91 -10.30 -8.85
CA ASP A 76 -5.44 -11.23 -9.87
C ASP A 76 -5.79 -10.66 -11.23
N PHE A 77 -5.22 -11.21 -12.30
CA PHE A 77 -5.46 -10.65 -13.64
C PHE A 77 -6.91 -10.79 -14.13
N ALA A 78 -7.59 -11.88 -13.78
CA ALA A 78 -8.99 -12.04 -14.22
C ALA A 78 -9.88 -10.98 -13.58
N THR A 79 -9.63 -10.69 -12.31
CA THR A 79 -10.41 -9.67 -11.61
C THR A 79 -10.12 -8.29 -12.19
N MET A 80 -8.87 -8.02 -12.54
CA MET A 80 -8.54 -6.75 -13.20
C MET A 80 -9.23 -6.62 -14.55
N ARG A 81 -9.28 -7.71 -15.31
CA ARG A 81 -9.88 -7.67 -16.63
C ARG A 81 -11.37 -7.38 -16.53
N LYS A 82 -12.04 -7.92 -15.52
CA LYS A 82 -13.47 -7.65 -15.32
C LYS A 82 -13.69 -6.17 -15.05
N ARG A 83 -12.88 -5.59 -14.19
CA ARG A 83 -13.00 -4.17 -13.88
C ARG A 83 -12.72 -3.32 -15.12
N LEU A 84 -11.71 -3.73 -15.88
CA LEU A 84 -11.30 -3.02 -17.08
C LEU A 84 -12.42 -2.95 -18.11
N GLU A 85 -13.10 -4.06 -18.33
CA GLU A 85 -14.13 -4.09 -19.36
C GLU A 85 -15.41 -3.38 -18.91
N ALA A 86 -15.52 -3.12 -17.62
CA ALA A 86 -16.59 -2.29 -17.11
C ALA A 86 -16.17 -0.82 -17.10
N GLN A 87 -15.03 -0.55 -17.72
CA GLN A 87 -14.42 0.79 -17.71
C GLN A 87 -14.30 1.33 -16.29
N GLY A 88 -13.86 0.46 -15.38
CA GLY A 88 -13.77 0.80 -13.97
C GLY A 88 -12.44 1.38 -13.52
N TYR A 89 -11.51 1.55 -14.46
CA TYR A 89 -10.26 2.25 -14.19
C TYR A 89 -10.31 3.65 -14.81
N LYS A 90 -10.39 4.68 -13.96
CA LYS A 90 -10.53 6.05 -14.43
C LYS A 90 -9.20 6.69 -14.83
N ASN A 91 -8.11 6.13 -14.32
CA ASN A 91 -6.77 6.60 -14.65
C ASN A 91 -5.76 5.46 -14.51
N LEU A 92 -4.53 5.69 -14.93
CA LEU A 92 -3.50 4.65 -14.88
C LEU A 92 -3.12 4.31 -13.44
N HIS A 93 -3.17 5.29 -12.55
CA HIS A 93 -2.84 5.04 -11.14
C HIS A 93 -3.70 3.93 -10.53
N GLU A 94 -5.00 3.97 -10.80
CA GLU A 94 -5.91 2.97 -10.26
C GLU A 94 -5.56 1.57 -10.75
N PHE A 95 -5.20 1.49 -12.02
CA PHE A 95 -4.78 0.23 -12.65
C PHE A 95 -3.47 -0.27 -12.02
N GLU A 96 -2.51 0.63 -11.88
CA GLU A 96 -1.25 0.25 -11.25
C GLU A 96 -1.41 -0.21 -9.80
N GLU A 97 -2.35 0.39 -9.08
N GLU A 97 -2.37 0.38 -9.07
CA GLU A 97 -2.62 -0.01 -7.71
CA GLU A 97 -2.56 -0.04 -7.68
C GLU A 97 -2.99 -1.49 -7.65
C GLU A 97 -3.07 -1.48 -7.59
N ASP A 98 -3.87 -1.91 -8.56
CA ASP A 98 -4.32 -3.30 -8.60
C ASP A 98 -3.17 -4.23 -9.02
N PHE A 99 -2.37 -3.81 -10.00
CA PHE A 99 -1.22 -4.62 -10.41
C PHE A 99 -0.25 -4.80 -9.24
N ASP A 100 0.03 -3.72 -8.52
CA ASP A 100 0.92 -3.80 -7.36
C ASP A 100 0.36 -4.71 -6.28
N LEU A 101 -0.96 -4.80 -6.13
CA LEU A 101 -1.56 -5.71 -5.16
C LEU A 101 -1.22 -7.16 -5.49
N ILE A 102 -1.28 -7.51 -6.77
CA ILE A 102 -0.96 -8.87 -7.19
C ILE A 102 0.43 -9.25 -6.70
N ILE A 103 1.38 -8.36 -6.97
CA ILE A 103 2.79 -8.56 -6.60
CA ILE A 103 2.78 -8.61 -6.61
C ILE A 103 3.00 -8.54 -5.10
N ASP A 104 2.48 -7.50 -4.46
CA ASP A 104 2.75 -7.29 -3.05
C ASP A 104 2.09 -8.35 -2.17
N ASN A 105 0.89 -8.77 -2.51
CA ASN A 105 0.22 -9.84 -1.77
C ASN A 105 1.06 -11.12 -1.80
N CYS A 106 1.56 -11.43 -2.99
CA CYS A 106 2.32 -12.65 -3.20
C CYS A 106 3.63 -12.64 -2.43
N MET A 107 4.31 -11.50 -2.38
CA MET A 107 5.59 -11.42 -1.69
C MET A 107 5.44 -11.37 -0.17
N LYS A 108 4.22 -11.21 0.34
CA LYS A 108 3.98 -11.33 1.77
CA LYS A 108 3.95 -11.34 1.77
C LYS A 108 3.61 -12.77 2.13
N TYR A 109 2.68 -13.36 1.38
CA TYR A 109 2.20 -14.69 1.74
C TYR A 109 3.26 -15.77 1.56
N ASN A 110 4.09 -15.62 0.54
CA ASN A 110 5.05 -16.66 0.20
C ASN A 110 6.47 -16.26 0.55
N ALA A 111 7.29 -17.23 0.91
CA ALA A 111 8.68 -16.96 1.26
C ALA A 111 9.55 -16.80 0.02
N ARG A 112 10.74 -16.23 0.21
CA ARG A 112 11.66 -15.94 -0.89
C ARG A 112 12.11 -17.15 -1.71
N ASP A 113 12.05 -18.32 -1.11
CA ASP A 113 12.54 -19.53 -1.77
C ASP A 113 11.43 -20.27 -2.50
N THR A 114 10.34 -19.58 -2.83
CA THR A 114 9.23 -20.25 -3.50
C THR A 114 9.05 -19.81 -4.93
N VAL A 115 8.47 -20.69 -5.73
CA VAL A 115 8.21 -20.37 -7.13
C VAL A 115 7.22 -19.20 -7.24
N PHE A 116 6.33 -19.06 -6.24
CA PHE A 116 5.35 -17.97 -6.21
C PHE A 116 6.03 -16.62 -6.02
N TYR A 117 6.85 -16.50 -4.97
CA TYR A 117 7.53 -15.23 -4.69
C TYR A 117 8.39 -14.84 -5.88
N ARG A 118 9.12 -15.81 -6.41
CA ARG A 118 10.06 -15.53 -7.49
C ARG A 118 9.32 -15.12 -8.77
N ALA A 119 8.12 -15.68 -8.99
CA ALA A 119 7.32 -15.26 -10.15
C ALA A 119 6.86 -13.81 -9.98
N ALA A 120 6.52 -13.42 -8.76
CA ALA A 120 6.11 -12.04 -8.52
C ALA A 120 7.27 -11.06 -8.75
N VAL A 121 8.47 -11.41 -8.30
CA VAL A 121 9.64 -10.56 -8.54
C VAL A 121 9.88 -10.35 -10.04
N ARG A 122 9.83 -11.43 -10.80
CA ARG A 122 10.04 -11.34 -12.25
C ARG A 122 8.93 -10.55 -12.93
N LEU A 123 7.68 -10.74 -12.51
CA LEU A 123 6.56 -9.99 -13.06
C LEU A 123 6.72 -8.49 -12.75
N ARG A 124 7.10 -8.16 -11.52
CA ARG A 124 7.37 -6.77 -11.13
CA ARG A 124 7.33 -6.75 -11.17
C ARG A 124 8.43 -6.14 -12.01
N ASP A 125 9.56 -6.85 -12.17
CA ASP A 125 10.69 -6.32 -12.92
C ASP A 125 10.35 -6.12 -14.40
N GLN A 126 9.79 -7.15 -15.02
CA GLN A 126 9.49 -7.09 -16.45
C GLN A 126 8.30 -6.17 -16.70
N GLY A 127 7.40 -6.09 -15.73
CA GLY A 127 6.24 -5.22 -15.83
C GLY A 127 6.59 -3.75 -15.75
N GLY A 128 7.59 -3.41 -14.95
CA GLY A 128 8.02 -2.03 -14.78
C GLY A 128 8.32 -1.34 -16.08
N VAL A 129 8.94 -2.09 -17.00
CA VAL A 129 9.28 -1.57 -18.32
C VAL A 129 8.04 -1.16 -19.11
N VAL A 130 7.04 -2.04 -19.10
CA VAL A 130 5.78 -1.82 -19.80
C VAL A 130 5.05 -0.61 -19.21
N LEU A 131 5.00 -0.54 -17.88
CA LEU A 131 4.29 0.54 -17.21
C LEU A 131 4.98 1.88 -17.38
N ARG A 132 6.31 1.86 -17.50
CA ARG A 132 7.05 3.10 -17.70
C ARG A 132 6.63 3.78 -18.99
N GLN A 133 6.48 3.00 -20.06
CA GLN A 133 6.10 3.58 -21.35
C GLN A 133 4.60 3.89 -21.39
N ALA A 134 3.79 3.09 -20.70
CA ALA A 134 2.36 3.35 -20.60
C ALA A 134 2.08 4.71 -19.97
N ARG A 135 2.83 5.06 -18.94
CA ARG A 135 2.67 6.37 -18.29
C ARG A 135 2.96 7.49 -19.28
N ARG A 136 4.00 7.32 -20.10
CA ARG A 136 4.31 8.33 -21.10
C ARG A 136 3.19 8.48 -22.13
N GLU A 137 2.59 7.36 -22.54
CA GLU A 137 1.54 7.39 -23.55
C GLU A 137 0.26 8.03 -23.03
N VAL A 138 -0.12 7.69 -21.79
CA VAL A 138 -1.31 8.25 -21.18
C VAL A 138 -1.18 9.77 -21.05
N ASP A 139 -0.01 10.22 -20.61
CA ASP A 139 0.28 11.66 -20.47
C ASP A 139 0.25 12.40 -21.80
N SER A 140 1.06 11.93 -22.75
CA SER A 140 1.25 12.63 -24.01
C SER A 140 -0.03 12.69 -24.84
N ILE A 141 -0.80 11.60 -24.83
CA ILE A 141 -2.05 11.56 -25.58
C ILE A 141 -3.16 12.27 -24.79
N GLY A 142 -2.98 12.37 -23.47
CA GLY A 142 -3.93 13.05 -22.62
C GLY A 142 -5.20 12.26 -22.39
N LEU A 143 -5.10 11.17 -21.63
CA LEU A 143 -6.20 10.23 -21.46
C LEU A 143 -6.83 10.23 -20.07
N GLU A 144 -6.47 11.18 -19.22
CA GLU A 144 -7.01 11.21 -17.86
C GLU A 144 -7.09 12.64 -17.32
N SER B 22 -3.88 37.09 11.43
CA SER B 22 -5.22 36.90 10.89
C SER B 22 -5.86 35.68 11.50
N MET B 23 -7.19 35.62 11.44
N MET B 23 -7.18 35.59 11.44
CA MET B 23 -7.93 34.47 11.92
CA MET B 23 -7.89 34.45 11.99
C MET B 23 -7.56 33.21 11.16
C MET B 23 -7.59 33.20 11.16
N GLU B 24 -7.23 33.39 9.90
CA GLU B 24 -6.86 32.28 9.03
C GLU B 24 -5.55 31.63 9.50
N GLN B 25 -4.60 32.44 9.95
CA GLN B 25 -3.34 31.93 10.52
C GLN B 25 -3.61 31.19 11.82
N VAL B 26 -4.46 31.76 12.67
CA VAL B 26 -4.78 31.13 13.92
C VAL B 26 -5.41 29.77 13.68
N ALA B 27 -6.34 29.69 12.75
CA ALA B 27 -7.01 28.42 12.48
C ALA B 27 -6.02 27.39 11.92
N MET B 28 -5.12 27.80 11.05
CA MET B 28 -4.13 26.87 10.51
CA MET B 28 -4.12 26.88 10.51
C MET B 28 -3.19 26.34 11.60
N GLU B 29 -2.77 27.21 12.52
CA GLU B 29 -1.90 26.76 13.59
C GLU B 29 -2.66 25.84 14.55
N LEU B 30 -3.94 26.14 14.83
CA LEU B 30 -4.75 25.23 15.63
C LEU B 30 -4.91 23.86 14.98
N ARG B 31 -5.12 23.82 13.67
CA ARG B 31 -5.27 22.52 13.01
C ARG B 31 -3.96 21.76 13.06
N LEU B 32 -2.83 22.46 12.92
CA LEU B 32 -1.51 21.82 13.05
C LEU B 32 -1.31 21.22 14.44
N THR B 33 -1.59 21.98 15.48
CA THR B 33 -1.27 21.46 16.81
C THR B 33 -2.24 20.37 17.24
N GLU B 34 -3.49 20.46 16.81
CA GLU B 34 -4.46 19.43 17.11
C GLU B 34 -4.19 18.12 16.35
N LEU B 35 -3.76 18.23 15.09
CA LEU B 35 -3.34 17.02 14.36
C LEU B 35 -2.15 16.37 15.07
N THR B 36 -1.20 17.18 15.51
CA THR B 36 -0.02 16.64 16.17
C THR B 36 -0.42 15.95 17.47
N ARG B 37 -1.34 16.55 18.23
CA ARG B 37 -1.83 15.94 19.45
CA ARG B 37 -1.83 15.94 19.45
C ARG B 37 -2.46 14.57 19.16
N LEU B 38 -3.29 14.51 18.14
CA LEU B 38 -3.93 13.26 17.74
C LEU B 38 -2.90 12.20 17.33
N LEU B 39 -1.97 12.57 16.46
CA LEU B 39 -1.00 11.59 15.98
C LEU B 39 -0.09 11.11 17.08
N ARG B 40 0.25 11.99 18.03
CA ARG B 40 1.08 11.58 19.18
C ARG B 40 0.35 10.52 19.99
N SER B 41 -0.95 10.70 20.16
CA SER B 41 -1.75 9.73 20.90
C SER B 41 -1.85 8.41 20.14
N VAL B 42 -2.06 8.49 18.83
CA VAL B 42 -2.11 7.30 17.99
C VAL B 42 -0.78 6.54 18.07
N LEU B 43 0.33 7.25 17.93
CA LEU B 43 1.62 6.56 17.95
C LEU B 43 1.89 5.91 19.31
N ASP B 44 1.53 6.58 20.39
N ASP B 44 1.53 6.58 20.39
CA ASP B 44 1.71 6.01 21.72
CA ASP B 44 1.70 6.01 21.72
C ASP B 44 0.86 4.76 21.87
C ASP B 44 0.85 4.75 21.88
N GLN B 45 -0.37 4.80 21.37
CA GLN B 45 -1.26 3.62 21.41
C GLN B 45 -0.68 2.44 20.64
N LEU B 46 -0.13 2.72 19.46
CA LEU B 46 0.45 1.65 18.62
C LEU B 46 1.68 1.05 19.29
N GLN B 47 2.59 1.89 19.79
N GLN B 47 2.60 1.90 19.78
CA GLN B 47 3.81 1.36 20.39
CA GLN B 47 3.82 1.40 20.43
C GLN B 47 3.53 0.58 21.67
C GLN B 47 3.53 0.58 21.68
N ASP B 48 2.51 0.98 22.44
CA ASP B 48 2.19 0.26 23.66
CA ASP B 48 2.14 0.26 23.66
C ASP B 48 1.74 -1.18 23.38
N LYS B 49 1.36 -1.47 22.14
CA LYS B 49 0.96 -2.81 21.75
C LYS B 49 2.16 -3.66 21.34
N ASP B 50 3.36 -3.07 21.41
CA ASP B 50 4.58 -3.77 20.98
C ASP B 50 5.61 -3.80 22.13
N PRO B 51 5.27 -4.47 23.24
CA PRO B 51 6.24 -4.49 24.34
C PRO B 51 7.52 -5.27 24.03
N ALA B 52 7.50 -6.16 23.05
CA ALA B 52 8.71 -6.89 22.63
C ALA B 52 9.65 -5.99 21.83
N ARG B 53 9.19 -4.79 21.50
CA ARG B 53 9.97 -3.78 20.78
CA ARG B 53 9.96 -3.78 20.77
C ARG B 53 10.44 -4.28 19.41
N ILE B 54 9.63 -5.12 18.77
CA ILE B 54 9.94 -5.65 17.45
C ILE B 54 10.01 -4.54 16.41
N PHE B 55 9.16 -3.53 16.59
CA PHE B 55 9.02 -2.46 15.61
C PHE B 55 9.52 -1.11 16.13
N ALA B 56 10.25 -1.13 17.24
CA ALA B 56 10.63 0.10 17.95
C ALA B 56 11.73 0.90 17.27
N GLN B 57 12.65 0.19 16.61
CA GLN B 57 13.88 0.78 16.08
C GLN B 57 14.14 0.23 14.70
N PRO B 58 14.96 0.94 13.91
CA PRO B 58 15.31 0.41 12.59
C PRO B 58 15.93 -0.98 12.69
N VAL B 59 15.62 -1.84 11.72
CA VAL B 59 16.25 -3.16 11.65
C VAL B 59 17.76 -2.94 11.53
N SER B 60 18.53 -3.71 12.30
CA SER B 60 19.98 -3.59 12.28
C SER B 60 20.62 -4.35 11.11
N LEU B 61 21.36 -3.63 10.27
CA LEU B 61 22.07 -4.27 9.16
C LEU B 61 23.20 -5.17 9.67
N LYS B 62 23.73 -4.85 10.84
CA LYS B 62 24.72 -5.72 11.47
C LYS B 62 24.10 -7.08 11.79
N GLU B 63 22.88 -7.06 12.31
CA GLU B 63 22.20 -8.31 12.69
C GLU B 63 21.47 -8.97 11.50
N VAL B 64 21.07 -8.16 10.52
CA VAL B 64 20.32 -8.66 9.37
C VAL B 64 20.93 -8.09 8.08
N PRO B 65 22.09 -8.64 7.67
CA PRO B 65 22.84 -8.00 6.59
C PRO B 65 22.14 -8.02 5.23
N ASP B 66 21.14 -8.89 5.02
CA ASP B 66 20.46 -8.92 3.72
C ASP B 66 19.15 -8.13 3.68
N TYR B 67 18.87 -7.36 4.73
CA TYR B 67 17.56 -6.68 4.83
C TYR B 67 17.28 -5.76 3.63
N LEU B 68 18.26 -4.97 3.22
CA LEU B 68 18.07 -4.02 2.12
C LEU B 68 18.13 -4.65 0.73
N ASP B 69 18.51 -5.92 0.67
CA ASP B 69 18.35 -6.67 -0.57
C ASP B 69 16.87 -6.74 -0.93
N HIS B 70 16.02 -6.73 0.08
CA HIS B 70 14.61 -7.04 -0.10
C HIS B 70 13.68 -5.90 0.27
N ILE B 71 14.08 -5.08 1.22
CA ILE B 71 13.20 -4.01 1.69
C ILE B 71 13.72 -2.66 1.22
N LYS B 72 12.92 -2.01 0.37
CA LYS B 72 13.27 -0.73 -0.28
C LYS B 72 13.21 0.46 0.65
N HIS B 73 12.19 0.49 1.51
CA HIS B 73 11.98 1.64 2.38
C HIS B 73 11.71 1.21 3.82
N PRO B 74 12.78 1.00 4.59
CA PRO B 74 12.65 0.63 6.01
C PRO B 74 11.85 1.64 6.82
N MET B 75 11.13 1.17 7.82
CA MET B 75 10.40 2.05 8.71
C MET B 75 10.23 1.41 10.08
N ASP B 76 10.08 2.24 11.11
CA ASP B 76 10.00 1.80 12.49
C ASP B 76 9.39 2.92 13.32
N PHE B 77 8.98 2.62 14.54
CA PHE B 77 8.27 3.60 15.37
C PHE B 77 9.14 4.80 15.77
N ALA B 78 10.45 4.59 15.98
CA ALA B 78 11.31 5.71 16.37
C ALA B 78 11.45 6.71 15.23
N THR B 79 11.55 6.19 14.01
CA THR B 79 11.66 7.03 12.83
C THR B 79 10.34 7.79 12.63
N MET B 80 9.22 7.12 12.91
CA MET B 80 7.94 7.82 12.82
C MET B 80 7.83 8.93 13.89
N ARG B 81 8.32 8.66 15.10
CA ARG B 81 8.23 9.67 16.16
C ARG B 81 9.08 10.90 15.82
N LYS B 82 10.25 10.65 15.23
CA LYS B 82 11.14 11.73 14.79
C LYS B 82 10.43 12.61 13.78
N ARG B 83 9.78 11.98 12.80
CA ARG B 83 9.07 12.71 11.75
C ARG B 83 7.89 13.50 12.33
N LEU B 84 7.15 12.85 13.22
CA LEU B 84 6.02 13.50 13.90
C LEU B 84 6.45 14.76 14.64
N GLU B 85 7.46 14.62 15.49
CA GLU B 85 7.81 15.74 16.36
C GLU B 85 8.52 16.86 15.60
N ALA B 86 9.01 16.56 14.40
CA ALA B 86 9.65 17.56 13.55
C ALA B 86 8.66 18.24 12.60
N GLN B 87 7.37 17.98 12.82
CA GLN B 87 6.30 18.54 12.00
C GLN B 87 6.30 18.01 10.55
N GLY B 88 6.74 16.76 10.38
CA GLY B 88 6.83 16.17 9.06
C GLY B 88 5.61 15.40 8.56
N TYR B 89 4.57 15.25 9.39
CA TYR B 89 3.31 14.69 8.87
C TYR B 89 2.31 15.79 8.62
N LYS B 90 1.93 15.96 7.36
CA LYS B 90 1.00 17.03 6.97
C LYS B 90 -0.46 16.63 7.20
N ASN B 91 -0.72 15.33 7.28
CA ASN B 91 -2.08 14.83 7.45
C ASN B 91 -2.03 13.40 7.96
N LEU B 92 -3.19 12.85 8.33
CA LEU B 92 -3.26 11.50 8.85
C LEU B 92 -2.82 10.46 7.84
N HIS B 93 -3.16 10.67 6.57
CA HIS B 93 -2.79 9.70 5.55
C HIS B 93 -1.28 9.46 5.46
N GLU B 94 -0.48 10.52 5.57
CA GLU B 94 0.98 10.38 5.52
C GLU B 94 1.48 9.52 6.69
N PHE B 95 0.85 9.67 7.85
CA PHE B 95 1.17 8.87 9.03
C PHE B 95 0.78 7.40 8.77
N GLU B 96 -0.44 7.20 8.27
CA GLU B 96 -0.92 5.86 7.90
CA GLU B 96 -0.93 5.86 7.91
C GLU B 96 0.02 5.15 6.95
N GLU B 97 0.52 5.87 5.94
CA GLU B 97 1.44 5.27 4.99
C GLU B 97 2.71 4.75 5.67
N ASP B 98 3.25 5.48 6.64
CA ASP B 98 4.45 5.00 7.35
C ASP B 98 4.13 3.79 8.24
N PHE B 99 2.97 3.79 8.90
CA PHE B 99 2.57 2.61 9.66
C PHE B 99 2.45 1.39 8.74
N ASP B 100 1.81 1.57 7.59
CA ASP B 100 1.70 0.47 6.64
C ASP B 100 3.05 -0.04 6.18
N LEU B 101 4.05 0.83 6.04
CA LEU B 101 5.40 0.39 5.69
C LEU B 101 5.93 -0.56 6.75
N ILE B 102 5.73 -0.21 8.03
CA ILE B 102 6.22 -1.06 9.11
C ILE B 102 5.63 -2.48 8.98
N ILE B 103 4.32 -2.54 8.80
CA ILE B 103 3.60 -3.80 8.69
C ILE B 103 3.99 -4.55 7.42
N ASP B 104 3.96 -3.86 6.28
CA ASP B 104 4.19 -4.49 4.99
C ASP B 104 5.63 -5.00 4.88
N ASN B 105 6.59 -4.23 5.37
CA ASN B 105 7.99 -4.67 5.32
C ASN B 105 8.19 -5.94 6.13
N CYS B 106 7.55 -6.01 7.29
CA CYS B 106 7.69 -7.17 8.16
C CYS B 106 7.05 -8.40 7.52
N MET B 107 5.87 -8.23 6.93
CA MET B 107 5.20 -9.36 6.29
C MET B 107 5.93 -9.82 5.03
N LYS B 108 6.62 -8.91 4.36
CA LYS B 108 7.39 -9.26 3.16
CA LYS B 108 7.39 -9.26 3.18
C LYS B 108 8.71 -9.94 3.53
N TYR B 109 9.40 -9.44 4.55
CA TYR B 109 10.71 -9.98 4.89
C TYR B 109 10.62 -11.29 5.65
N ASN B 110 9.62 -11.43 6.51
CA ASN B 110 9.51 -12.64 7.33
C ASN B 110 8.54 -13.66 6.73
N ALA B 111 8.86 -14.95 6.86
CA ALA B 111 7.94 -15.98 6.37
C ALA B 111 6.65 -16.01 7.17
N ARG B 112 5.56 -16.47 6.58
CA ARG B 112 4.25 -16.32 7.23
C ARG B 112 4.13 -17.14 8.51
N ASP B 113 4.82 -18.28 8.59
CA ASP B 113 4.74 -19.12 9.79
C ASP B 113 5.91 -18.76 10.72
N THR B 114 5.94 -17.51 11.18
CA THR B 114 6.96 -17.02 12.10
C THR B 114 6.32 -16.08 13.12
N VAL B 115 7.01 -15.92 14.25
CA VAL B 115 6.54 -15.06 15.32
C VAL B 115 6.50 -13.59 14.88
N PHE B 116 7.52 -13.12 14.16
CA PHE B 116 7.54 -11.71 13.76
C PHE B 116 6.46 -11.41 12.73
N TYR B 117 6.24 -12.31 11.77
CA TYR B 117 5.15 -12.11 10.82
C TYR B 117 3.82 -12.05 11.54
N ARG B 118 3.58 -12.97 12.47
CA ARG B 118 2.32 -12.95 13.20
C ARG B 118 2.18 -11.68 14.06
N ALA B 119 3.30 -11.13 14.54
CA ALA B 119 3.26 -9.89 15.29
C ALA B 119 2.78 -8.74 14.39
N ALA B 120 3.26 -8.73 13.14
CA ALA B 120 2.81 -7.71 12.20
C ALA B 120 1.34 -7.85 11.89
N VAL B 121 0.86 -9.09 11.73
CA VAL B 121 -0.57 -9.31 11.50
C VAL B 121 -1.41 -8.82 12.70
N ARG B 122 -0.93 -9.09 13.91
CA ARG B 122 -1.60 -8.64 15.13
C ARG B 122 -1.66 -7.11 15.19
N LEU B 123 -0.51 -6.46 14.97
CA LEU B 123 -0.43 -5.00 15.01
C LEU B 123 -1.23 -4.36 13.86
N ARG B 124 -1.31 -5.03 12.71
CA ARG B 124 -2.12 -4.54 11.61
C ARG B 124 -3.60 -4.48 12.00
N ASP B 125 -4.11 -5.55 12.63
CA ASP B 125 -5.49 -5.59 13.13
C ASP B 125 -5.75 -4.48 14.11
N GLN B 126 -4.92 -4.42 15.14
CA GLN B 126 -5.13 -3.46 16.21
C GLN B 126 -4.95 -2.05 15.69
N GLY B 127 -3.91 -1.86 14.88
CA GLY B 127 -3.62 -0.55 14.32
C GLY B 127 -4.69 -0.05 13.38
N GLY B 128 -5.27 -0.95 12.59
CA GLY B 128 -6.34 -0.56 11.69
C GLY B 128 -7.51 0.03 12.45
N VAL B 129 -7.82 -0.53 13.61
CA VAL B 129 -8.93 -0.01 14.41
C VAL B 129 -8.57 1.37 14.98
N VAL B 130 -7.36 1.50 15.51
CA VAL B 130 -6.91 2.77 16.06
C VAL B 130 -6.93 3.85 14.98
N LEU B 131 -6.46 3.52 13.78
CA LEU B 131 -6.41 4.50 12.71
C LEU B 131 -7.79 4.85 12.14
N ARG B 132 -8.73 3.90 12.11
CA ARG B 132 -10.08 4.26 11.68
C ARG B 132 -10.75 5.19 12.72
N GLN B 133 -10.45 4.99 14.00
CA GLN B 133 -10.94 5.91 15.03
C GLN B 133 -10.26 7.28 14.89
N ALA B 134 -8.99 7.28 14.53
CA ALA B 134 -8.30 8.54 14.31
C ALA B 134 -8.92 9.33 13.15
N ARG B 135 -9.38 8.61 12.13
CA ARG B 135 -10.04 9.26 10.99
C ARG B 135 -11.35 9.90 11.43
N ARG B 136 -12.09 9.21 12.31
CA ARG B 136 -13.31 9.79 12.88
C ARG B 136 -12.99 11.06 13.65
N GLU B 137 -11.87 11.07 14.38
CA GLU B 137 -11.49 12.26 15.14
C GLU B 137 -11.04 13.41 14.23
N VAL B 138 -10.32 13.09 13.17
CA VAL B 138 -9.97 14.10 12.15
C VAL B 138 -11.23 14.80 11.66
N ASP B 139 -12.26 14.02 11.35
CA ASP B 139 -13.51 14.62 10.88
C ASP B 139 -14.25 15.39 11.98
N SER B 140 -14.26 14.86 13.20
CA SER B 140 -14.95 15.51 14.31
C SER B 140 -14.26 16.82 14.74
N ILE B 141 -12.94 16.84 14.72
CA ILE B 141 -12.18 18.02 15.15
C ILE B 141 -12.11 19.08 14.04
N GLY B 142 -12.25 18.64 12.78
CA GLY B 142 -12.20 19.52 11.63
C GLY B 142 -10.81 19.74 11.06
N LEU B 143 -9.98 18.71 11.12
CA LEU B 143 -8.58 18.86 10.74
C LEU B 143 -8.34 18.85 9.24
N GLU B 144 -9.34 18.42 8.47
CA GLU B 144 -9.25 18.49 7.02
C GLU B 144 -10.42 19.26 6.43
#